data_6JOX
#
_entry.id   6JOX
#
_cell.length_a   154.712
_cell.length_b   154.712
_cell.length_c   52.713
_cell.angle_alpha   90.00
_cell.angle_beta   90.00
_cell.angle_gamma   120.00
#
_symmetry.space_group_name_H-M   'P 3 2 1'
#
loop_
_entity.id
_entity.type
_entity.pdbx_description
1 polymer 'Triosephosphate isomerase'
2 water water
#
_entity_poly.entity_id   1
_entity_poly.type   'polypeptide(L)'
_entity_poly.pdbx_seq_one_letter_code
;MGSSHHHHHHSSGLVPRGSHMMANQRKFFVGGNWKMNGDKAAIDGIISFMKGPLNADTEVVVGCPQCYLMYTREHMPANI
GVAAQNCYKTAKGAFTGEISPAMIKDCGCEWVILGHSERRNVFGEPDQLISEKVGHALEAGLKVIPCIGEKLEERESNRT
EEVVFAQMKALVPNISDWSRVVIAYEPVWAIGTGKTATPEQAQDVHAKLRQWLRDNVSPQVAESTRIIYGGSVSAGNCKE
LAKTGDIDGFLVGGASLKPDFVTIINARA
;
_entity_poly.pdbx_strand_id   B,A
#
# COMPACT_ATOMS: atom_id res chain seq x y z
N GLN A 25 -24.34 26.80 0.33
CA GLN A 25 -24.05 26.57 1.74
C GLN A 25 -22.89 25.59 1.91
N ARG A 26 -23.00 24.42 1.29
CA ARG A 26 -21.92 23.44 1.35
C ARG A 26 -20.81 23.85 0.40
N LYS A 27 -19.58 23.91 0.91
CA LYS A 27 -18.46 24.35 0.08
C LYS A 27 -18.12 23.32 -0.98
N PHE A 28 -18.04 23.77 -2.23
CA PHE A 28 -17.67 22.92 -3.35
C PHE A 28 -16.33 22.24 -3.10
N PHE A 29 -16.26 20.93 -3.34
CA PHE A 29 -15.10 20.12 -3.00
C PHE A 29 -14.66 19.33 -4.22
N VAL A 30 -13.40 19.48 -4.62
CA VAL A 30 -12.89 18.75 -5.78
C VAL A 30 -11.63 18.02 -5.37
N GLY A 31 -11.68 16.69 -5.37
CA GLY A 31 -10.52 15.87 -5.10
C GLY A 31 -9.98 15.28 -6.40
N GLY A 32 -8.66 15.26 -6.51
CA GLY A 32 -8.04 14.65 -7.67
C GLY A 32 -7.30 13.39 -7.29
N ASN A 33 -7.86 12.23 -7.62
CA ASN A 33 -7.25 10.94 -7.27
C ASN A 33 -6.29 10.55 -8.38
N TRP A 34 -4.99 10.66 -8.12
CA TRP A 34 -4.01 10.33 -9.15
C TRP A 34 -3.90 8.83 -9.40
N LYS A 35 -4.45 8.01 -8.50
CA LYS A 35 -4.36 6.55 -8.58
C LYS A 35 -2.88 6.16 -8.64
N MET A 36 -2.54 5.06 -9.31
CA MET A 36 -1.16 4.63 -9.39
C MET A 36 -0.50 5.29 -10.60
N ASN A 37 -0.37 6.62 -10.49
CA ASN A 37 0.21 7.44 -11.54
C ASN A 37 1.09 8.49 -10.90
N GLY A 38 2.25 8.71 -11.48
CA GLY A 38 3.13 9.77 -11.01
C GLY A 38 4.55 9.36 -10.74
N ASP A 39 5.45 10.33 -10.89
CA ASP A 39 6.80 10.31 -10.35
C ASP A 39 7.12 11.76 -10.00
N LYS A 40 8.32 12.01 -9.47
CA LYS A 40 8.65 13.38 -9.05
C LYS A 40 8.42 14.37 -10.17
N ALA A 41 8.91 14.07 -11.37
CA ALA A 41 8.80 15.02 -12.47
C ALA A 41 7.35 15.23 -12.89
N ALA A 42 6.54 14.18 -12.91
CA ALA A 42 5.14 14.34 -13.29
C ALA A 42 4.38 15.11 -12.22
N ILE A 43 4.71 14.88 -10.96
CA ILE A 43 4.08 15.62 -9.87
C ILE A 43 4.45 17.09 -9.94
N ASP A 44 5.71 17.39 -10.26
CA ASP A 44 6.09 18.78 -10.49
C ASP A 44 5.24 19.40 -11.60
N GLY A 45 4.95 18.62 -12.65
CA GLY A 45 4.13 19.14 -13.73
C GLY A 45 2.71 19.41 -13.30
N ILE A 46 2.15 18.55 -12.45
CA ILE A 46 0.81 18.77 -11.93
C ILE A 46 0.79 20.01 -11.03
N ILE A 47 1.76 20.10 -10.12
CA ILE A 47 1.85 21.28 -9.27
C ILE A 47 1.91 22.55 -10.11
N SER A 48 2.67 22.51 -11.21
CA SER A 48 2.80 23.69 -12.06
C SER A 48 1.45 24.20 -12.54
N PHE A 49 0.57 23.30 -13.01
CA PHE A 49 -0.69 23.85 -13.49
C PHE A 49 -1.66 24.12 -12.34
N MET A 50 -1.46 23.50 -11.19
CA MET A 50 -2.32 23.80 -10.05
C MET A 50 -1.96 25.11 -9.36
N LYS A 51 -0.87 25.76 -9.77
CA LYS A 51 -0.63 27.13 -9.37
C LYS A 51 -1.42 28.12 -10.21
N GLY A 52 -2.14 27.65 -11.23
CA GLY A 52 -2.92 28.51 -12.09
C GLY A 52 -4.09 29.13 -11.36
N PRO A 53 -5.05 29.62 -12.13
CA PRO A 53 -6.14 30.41 -11.53
C PRO A 53 -7.24 29.54 -10.94
N LEU A 54 -7.10 29.13 -9.69
CA LEU A 54 -8.10 28.29 -9.05
C LEU A 54 -9.16 29.14 -8.36
N ASN A 55 -10.42 28.75 -8.56
CA ASN A 55 -11.55 29.33 -7.85
C ASN A 55 -11.31 29.31 -6.35
N ALA A 56 -11.45 30.47 -5.70
CA ALA A 56 -11.20 30.57 -4.27
C ALA A 56 -12.32 29.96 -3.43
N ASP A 57 -13.45 29.60 -4.02
CA ASP A 57 -14.56 29.03 -3.29
C ASP A 57 -14.61 27.51 -3.36
N THR A 58 -13.55 26.89 -3.88
CA THR A 58 -13.48 25.44 -4.02
C THR A 58 -12.42 24.88 -3.09
N GLU A 59 -12.79 23.88 -2.29
CA GLU A 59 -11.84 23.14 -1.47
C GLU A 59 -11.21 22.05 -2.32
N VAL A 60 -9.89 22.06 -2.46
CA VAL A 60 -9.20 21.17 -3.40
C VAL A 60 -8.25 20.26 -2.64
N VAL A 61 -8.29 18.97 -2.96
CA VAL A 61 -7.44 17.94 -2.36
C VAL A 61 -6.92 17.05 -3.48
N VAL A 62 -5.64 16.65 -3.41
CA VAL A 62 -5.09 15.69 -4.37
C VAL A 62 -4.72 14.43 -3.60
N GLY A 63 -5.02 13.29 -4.21
CA GLY A 63 -4.66 11.99 -3.64
C GLY A 63 -3.50 11.36 -4.38
N CYS A 64 -2.33 11.38 -3.77
CA CYS A 64 -1.12 10.92 -4.45
C CYS A 64 -0.79 9.49 -4.05
N PRO A 65 0.07 8.82 -4.82
CA PRO A 65 0.48 7.45 -4.43
C PRO A 65 1.13 7.44 -3.06
N GLN A 66 1.08 6.25 -2.42
CA GLN A 66 1.52 6.11 -1.04
C GLN A 66 2.95 6.62 -0.84
N CYS A 67 3.82 6.45 -1.84
CA CYS A 67 5.23 6.78 -1.67
C CYS A 67 5.54 8.25 -1.97
N TYR A 68 4.53 9.05 -2.32
CA TYR A 68 4.73 10.45 -2.66
C TYR A 68 4.00 11.41 -1.72
N LEU A 69 3.53 10.92 -0.56
CA LEU A 69 2.86 11.81 0.39
C LEU A 69 3.75 12.98 0.78
N MET A 70 4.97 12.68 1.23
CA MET A 70 5.88 13.73 1.65
C MET A 70 6.26 14.64 0.49
N TYR A 71 6.63 14.05 -0.65
CA TYR A 71 7.05 14.86 -1.78
C TYR A 71 5.93 15.79 -2.22
N THR A 72 4.71 15.26 -2.33
CA THR A 72 3.59 16.08 -2.79
C THR A 72 3.28 17.18 -1.78
N ARG A 73 3.23 16.86 -0.49
CA ARG A 73 2.95 17.91 0.49
C ARG A 73 4.04 18.97 0.51
N GLU A 74 5.30 18.55 0.33
CA GLU A 74 6.42 19.50 0.42
C GLU A 74 6.32 20.54 -0.68
N HIS A 75 5.92 20.13 -1.88
CA HIS A 75 5.99 21.03 -3.03
C HIS A 75 4.64 21.57 -3.48
N MET A 76 3.53 20.97 -3.05
CA MET A 76 2.22 21.50 -3.40
C MET A 76 1.91 22.72 -2.53
N PRO A 77 1.41 23.81 -3.12
CA PRO A 77 1.05 24.99 -2.31
C PRO A 77 0.07 24.67 -1.20
N ALA A 78 0.14 25.47 -0.14
CA ALA A 78 -0.58 25.17 1.10
C ALA A 78 -2.09 25.24 0.95
N ASN A 79 -2.60 25.95 -0.06
CA ASN A 79 -4.04 26.03 -0.23
C ASN A 79 -4.65 24.73 -0.75
N ILE A 80 -3.81 23.77 -1.15
CA ILE A 80 -4.26 22.47 -1.67
C ILE A 80 -3.96 21.42 -0.60
N GLY A 81 -4.97 20.60 -0.27
CA GLY A 81 -4.75 19.51 0.66
C GLY A 81 -4.18 18.28 -0.03
N VAL A 82 -3.56 17.39 0.74
CA VAL A 82 -2.99 16.17 0.19
C VAL A 82 -3.57 14.98 0.92
N ALA A 83 -4.01 13.99 0.16
CA ALA A 83 -4.62 12.77 0.70
C ALA A 83 -3.77 11.56 0.36
N ALA A 84 -3.61 10.67 1.34
CA ALA A 84 -3.19 9.32 1.00
C ALA A 84 -4.34 8.59 0.28
N GLN A 85 -3.97 7.58 -0.50
CA GLN A 85 -4.94 6.77 -1.23
C GLN A 85 -5.47 5.58 -0.44
N ASN A 86 -4.90 5.32 0.74
CA ASN A 86 -5.34 4.22 1.59
C ASN A 86 -4.55 4.33 2.89
N CYS A 87 -5.05 3.65 3.92
CA CYS A 87 -4.32 3.48 5.17
C CYS A 87 -4.91 2.26 5.88
N TYR A 88 -4.27 1.85 6.97
CA TYR A 88 -4.78 0.73 7.75
C TYR A 88 -5.50 1.25 9.00
N LYS A 89 -5.96 0.33 9.87
CA LYS A 89 -6.90 0.64 10.93
C LYS A 89 -6.27 0.66 12.32
N THR A 90 -4.95 0.73 12.41
CA THR A 90 -4.28 0.91 13.69
C THR A 90 -3.00 1.69 13.44
N ALA A 91 -2.39 2.18 14.52
CA ALA A 91 -1.26 3.11 14.35
C ALA A 91 0.03 2.40 13.95
N LYS A 92 0.25 1.17 14.41
CA LYS A 92 1.49 0.47 14.12
C LYS A 92 1.25 -1.03 14.23
N GLY A 93 2.14 -1.81 13.65
CA GLY A 93 2.11 -3.24 13.89
C GLY A 93 2.63 -4.03 12.70
N ALA A 94 2.37 -5.33 12.76
CA ALA A 94 2.94 -6.28 11.80
C ALA A 94 2.03 -6.39 10.57
N PHE A 95 2.05 -5.32 9.78
CA PHE A 95 1.24 -5.22 8.56
C PHE A 95 2.13 -4.70 7.44
N THR A 96 3.03 -5.56 6.99
CA THR A 96 3.93 -5.25 5.89
C THR A 96 3.16 -4.71 4.69
N GLY A 97 3.61 -3.56 4.19
CA GLY A 97 2.99 -2.93 3.04
C GLY A 97 1.90 -1.92 3.34
N GLU A 98 1.52 -1.78 4.60
CA GLU A 98 0.47 -0.85 5.02
C GLU A 98 1.09 0.42 5.59
N ILE A 99 0.29 1.50 5.61
CA ILE A 99 0.67 2.71 6.32
C ILE A 99 -0.50 3.15 7.20
N SER A 100 -0.18 3.87 8.26
CA SER A 100 -1.18 4.25 9.25
C SER A 100 -1.51 5.73 9.16
N PRO A 101 -2.66 6.15 9.72
CA PRO A 101 -2.93 7.59 9.84
C PRO A 101 -1.82 8.37 10.52
N ALA A 102 -1.18 7.79 11.54
CA ALA A 102 -0.07 8.49 12.21
C ALA A 102 1.04 8.81 11.23
N MET A 103 1.35 7.87 10.33
CA MET A 103 2.38 8.12 9.32
C MET A 103 1.92 9.17 8.33
N ILE A 104 0.66 9.12 7.91
CA ILE A 104 0.15 10.11 6.97
C ILE A 104 0.26 11.51 7.56
N LYS A 105 -0.09 11.67 8.84
CA LYS A 105 0.08 12.95 9.50
C LYS A 105 1.55 13.34 9.59
N ASP A 106 2.41 12.37 9.88
CA ASP A 106 3.85 12.61 9.94
C ASP A 106 4.38 13.12 8.60
N CYS A 107 3.78 12.69 7.50
CA CYS A 107 4.13 13.17 6.16
C CYS A 107 3.54 14.53 5.86
N GLY A 108 2.86 15.15 6.83
CA GLY A 108 2.30 16.47 6.65
C GLY A 108 0.97 16.51 5.93
N CYS A 109 0.35 15.37 5.70
CA CYS A 109 -0.89 15.29 4.95
C CYS A 109 -2.09 15.18 5.87
N GLU A 110 -3.23 15.64 5.39
CA GLU A 110 -4.41 15.85 6.20
C GLU A 110 -5.55 14.91 5.87
N TRP A 111 -5.51 14.24 4.71
CA TRP A 111 -6.65 13.53 4.17
C TRP A 111 -6.29 12.08 3.84
N VAL A 112 -7.32 11.23 3.75
CA VAL A 112 -7.13 9.88 3.23
C VAL A 112 -8.41 9.46 2.51
N ILE A 113 -8.23 8.82 1.36
CA ILE A 113 -9.33 8.20 0.63
C ILE A 113 -9.47 6.77 1.13
N LEU A 114 -10.70 6.37 1.47
CA LEU A 114 -10.93 5.04 2.02
C LEU A 114 -12.08 4.36 1.32
N GLY A 115 -11.93 3.05 1.06
CA GLY A 115 -13.01 2.31 0.44
C GLY A 115 -13.21 2.59 -1.04
N HIS A 116 -12.20 3.15 -1.72
CA HIS A 116 -12.29 3.31 -3.17
C HIS A 116 -12.64 1.98 -3.81
N SER A 117 -13.43 2.04 -4.89
CA SER A 117 -13.92 0.84 -5.53
C SER A 117 -12.78 -0.08 -5.97
N GLU A 118 -11.61 0.48 -6.26
CA GLU A 118 -10.49 -0.38 -6.61
C GLU A 118 -9.99 -1.17 -5.40
N ARG A 119 -9.96 -0.53 -4.23
CA ARG A 119 -9.64 -1.29 -3.01
C ARG A 119 -10.69 -2.36 -2.74
N ARG A 120 -11.97 -2.02 -2.94
CA ARG A 120 -13.04 -2.95 -2.63
C ARG A 120 -13.05 -4.14 -3.59
N ASN A 121 -12.85 -3.88 -4.88
CA ASN A 121 -13.13 -4.89 -5.90
C ASN A 121 -11.89 -5.49 -6.53
N VAL A 122 -10.79 -4.77 -6.60
CA VAL A 122 -9.54 -5.39 -7.02
C VAL A 122 -8.82 -6.03 -5.84
N PHE A 123 -8.84 -5.37 -4.68
CA PHE A 123 -8.07 -5.83 -3.54
C PHE A 123 -8.94 -6.38 -2.41
N GLY A 124 -10.24 -6.48 -2.62
CA GLY A 124 -11.11 -7.24 -1.74
C GLY A 124 -11.37 -6.67 -0.36
N GLU A 125 -11.28 -5.36 -0.19
CA GLU A 125 -11.51 -4.74 1.11
C GLU A 125 -13.00 -4.72 1.44
N PRO A 126 -13.44 -5.33 2.53
CA PRO A 126 -14.86 -5.39 2.85
C PRO A 126 -15.31 -4.19 3.67
N ASP A 127 -16.65 -4.05 3.78
CA ASP A 127 -17.23 -2.89 4.43
C ASP A 127 -16.76 -2.73 5.86
N GLN A 128 -16.70 -3.82 6.63
CA GLN A 128 -16.30 -3.69 8.03
C GLN A 128 -14.91 -3.10 8.15
N LEU A 129 -13.99 -3.55 7.30
CA LEU A 129 -12.63 -3.03 7.34
C LEU A 129 -12.58 -1.56 6.95
N ILE A 130 -13.35 -1.17 5.94
CA ILE A 130 -13.36 0.23 5.54
C ILE A 130 -13.90 1.09 6.68
N SER A 131 -14.96 0.62 7.34
CA SER A 131 -15.53 1.35 8.47
C SER A 131 -14.50 1.51 9.59
N GLU A 132 -13.78 0.43 9.93
CA GLU A 132 -12.77 0.50 10.97
C GLU A 132 -11.64 1.45 10.58
N LYS A 133 -11.25 1.46 9.30
CA LYS A 133 -10.24 2.42 8.84
C LYS A 133 -10.75 3.85 9.02
N VAL A 134 -11.99 4.11 8.62
CA VAL A 134 -12.57 5.44 8.77
C VAL A 134 -12.55 5.86 10.24
N GLY A 135 -12.93 4.95 11.14
CA GLY A 135 -12.95 5.29 12.54
C GLY A 135 -11.57 5.62 13.08
N HIS A 136 -10.58 4.81 12.72
CA HIS A 136 -9.23 5.04 13.20
C HIS A 136 -8.64 6.31 12.61
N ALA A 137 -8.88 6.56 11.32
CA ALA A 137 -8.35 7.76 10.69
C ALA A 137 -8.92 9.02 11.33
N LEU A 138 -10.23 9.02 11.61
CA LEU A 138 -10.83 10.17 12.29
C LEU A 138 -10.28 10.33 13.70
N GLU A 139 -10.16 9.23 14.44
CA GLU A 139 -9.61 9.33 15.79
C GLU A 139 -8.19 9.87 15.77
N ALA A 140 -7.41 9.54 14.73
CA ALA A 140 -6.03 9.99 14.62
C ALA A 140 -5.92 11.44 14.19
N GLY A 141 -7.00 12.07 13.75
CA GLY A 141 -6.98 13.46 13.36
C GLY A 141 -6.99 13.74 11.87
N LEU A 142 -7.21 12.73 11.03
CA LEU A 142 -7.32 12.95 9.59
C LEU A 142 -8.75 13.32 9.20
N LYS A 143 -8.88 13.92 8.02
CA LYS A 143 -10.15 14.03 7.33
C LYS A 143 -10.23 12.90 6.31
N VAL A 144 -11.44 12.43 6.06
CA VAL A 144 -11.61 11.18 5.31
C VAL A 144 -12.58 11.38 4.14
N ILE A 145 -12.28 10.70 3.04
CA ILE A 145 -13.19 10.61 1.90
C ILE A 145 -13.61 9.15 1.75
N PRO A 146 -14.63 8.70 2.48
CA PRO A 146 -15.14 7.35 2.26
C PRO A 146 -15.87 7.26 0.93
N CYS A 147 -15.61 6.19 0.19
CA CYS A 147 -16.20 5.95 -1.12
C CYS A 147 -17.21 4.82 -1.04
N ILE A 148 -18.36 5.00 -1.70
CA ILE A 148 -19.41 3.98 -1.77
C ILE A 148 -19.92 3.94 -3.21
N GLY A 149 -20.73 2.93 -3.51
CA GLY A 149 -21.34 2.85 -4.82
C GLY A 149 -21.60 1.42 -5.22
N GLU A 150 -22.53 1.25 -6.17
CA GLU A 150 -23.05 -0.07 -6.53
C GLU A 150 -22.51 -0.54 -7.88
N LYS A 151 -22.41 -1.86 -8.03
CA LYS A 151 -21.93 -2.51 -9.24
C LYS A 151 -23.06 -2.69 -10.26
N LEU A 152 -22.69 -3.14 -11.47
CA LEU A 152 -23.66 -3.23 -12.55
C LEU A 152 -24.78 -4.20 -12.22
N GLU A 153 -24.45 -5.40 -11.72
CA GLU A 153 -25.50 -6.34 -11.38
C GLU A 153 -26.38 -5.83 -10.25
N GLU A 154 -25.78 -5.09 -9.31
CA GLU A 154 -26.58 -4.52 -8.23
C GLU A 154 -27.55 -3.48 -8.76
N ARG A 155 -27.11 -2.63 -9.68
CA ARG A 155 -28.01 -1.63 -10.26
C ARG A 155 -29.11 -2.29 -11.08
N GLU A 156 -28.73 -3.24 -11.95
CA GLU A 156 -29.73 -3.84 -12.84
C GLU A 156 -30.70 -4.73 -12.08
N SER A 157 -30.34 -5.17 -10.87
CA SER A 157 -31.24 -5.87 -9.96
C SER A 157 -32.14 -4.93 -9.16
N ASN A 158 -32.05 -3.63 -9.42
CA ASN A 158 -32.82 -2.61 -8.70
C ASN A 158 -32.41 -2.55 -7.23
N ARG A 159 -31.12 -2.77 -6.97
CA ARG A 159 -30.60 -2.77 -5.61
C ARG A 159 -29.65 -1.61 -5.36
N THR A 160 -29.70 -0.56 -6.18
CA THR A 160 -28.82 0.60 -5.97
C THR A 160 -28.97 1.15 -4.55
N GLU A 161 -30.22 1.44 -4.15
CA GLU A 161 -30.45 2.00 -2.82
C GLU A 161 -30.07 1.02 -1.73
N GLU A 162 -30.46 -0.26 -1.89
CA GLU A 162 -30.12 -1.25 -0.87
C GLU A 162 -28.60 -1.29 -0.64
N VAL A 163 -27.82 -1.22 -1.71
CA VAL A 163 -26.37 -1.36 -1.58
C VAL A 163 -25.75 -0.12 -0.95
N VAL A 164 -26.05 1.07 -1.50
CA VAL A 164 -25.36 2.25 -0.99
C VAL A 164 -25.83 2.60 0.42
N PHE A 165 -27.11 2.33 0.74
CA PHE A 165 -27.58 2.56 2.10
C PHE A 165 -26.90 1.61 3.08
N ALA A 166 -26.69 0.35 2.67
CA ALA A 166 -26.00 -0.59 3.53
C ALA A 166 -24.53 -0.20 3.70
N GLN A 167 -23.91 0.31 2.63
CA GLN A 167 -22.55 0.81 2.75
C GLN A 167 -22.48 2.01 3.69
N MET A 168 -23.45 2.91 3.60
CA MET A 168 -23.50 4.03 4.54
C MET A 168 -23.73 3.52 5.97
N LYS A 169 -24.65 2.57 6.13
CA LYS A 169 -24.93 2.03 7.46
C LYS A 169 -23.70 1.42 8.09
N ALA A 170 -22.84 0.78 7.28
CA ALA A 170 -21.61 0.18 7.80
C ALA A 170 -20.64 1.23 8.33
N LEU A 171 -20.64 2.43 7.75
CA LEU A 171 -19.67 3.46 8.12
C LEU A 171 -20.09 4.25 9.35
N VAL A 172 -21.38 4.53 9.49
CA VAL A 172 -21.90 5.46 10.49
C VAL A 172 -21.40 5.18 11.90
N PRO A 173 -21.33 3.92 12.37
CA PRO A 173 -20.86 3.70 13.75
C PRO A 173 -19.44 4.17 14.01
N ASN A 174 -18.65 4.37 12.96
CA ASN A 174 -17.26 4.79 13.10
C ASN A 174 -17.03 6.23 12.66
N ILE A 175 -18.08 6.98 12.34
CA ILE A 175 -17.92 8.37 11.96
C ILE A 175 -18.12 9.20 13.23
N SER A 176 -17.01 9.57 13.85
CA SER A 176 -17.01 10.32 15.10
C SER A 176 -17.07 11.83 14.91
N ASP A 177 -16.89 12.31 13.67
CA ASP A 177 -16.88 13.76 13.42
C ASP A 177 -17.28 13.97 11.96
N TRP A 178 -18.56 14.26 11.74
CA TRP A 178 -19.05 14.43 10.38
C TRP A 178 -18.45 15.65 9.68
N SER A 179 -17.97 16.64 10.44
CA SER A 179 -17.35 17.80 9.80
C SER A 179 -16.06 17.45 9.07
N ARG A 180 -15.48 16.27 9.35
CA ARG A 180 -14.24 15.84 8.73
C ARG A 180 -14.45 14.71 7.73
N VAL A 181 -15.67 14.55 7.23
CA VAL A 181 -16.02 13.51 6.27
C VAL A 181 -16.55 14.15 5.00
N VAL A 182 -16.12 13.64 3.85
CA VAL A 182 -16.70 13.96 2.54
C VAL A 182 -17.01 12.62 1.86
N ILE A 183 -18.29 12.35 1.62
CA ILE A 183 -18.71 11.08 1.04
C ILE A 183 -18.57 11.16 -0.48
N ALA A 184 -17.99 10.13 -1.08
CA ALA A 184 -17.89 10.05 -2.53
C ALA A 184 -18.74 8.91 -3.05
N TYR A 185 -19.63 9.21 -4.01
CA TYR A 185 -20.42 8.18 -4.68
C TYR A 185 -19.73 7.80 -5.99
N GLU A 186 -19.34 6.53 -6.10
CA GLU A 186 -18.79 6.00 -7.35
C GLU A 186 -19.85 5.19 -8.06
N PRO A 187 -20.27 5.56 -9.27
CA PRO A 187 -21.15 4.66 -10.03
C PRO A 187 -20.34 3.54 -10.66
N VAL A 188 -20.02 2.54 -9.83
CA VAL A 188 -19.13 1.46 -10.26
C VAL A 188 -19.73 0.73 -11.46
N TRP A 189 -21.05 0.63 -11.51
CA TRP A 189 -21.76 0.09 -12.66
C TRP A 189 -21.42 0.80 -13.97
N ALA A 190 -20.93 2.04 -13.92
CA ALA A 190 -20.62 2.81 -15.11
C ALA A 190 -19.12 3.05 -15.30
N ILE A 191 -18.29 2.49 -14.43
CA ILE A 191 -16.85 2.71 -14.48
C ILE A 191 -16.20 1.46 -15.06
N GLY A 192 -15.52 1.60 -16.20
CA GLY A 192 -14.91 0.48 -16.87
C GLY A 192 -15.86 -0.44 -17.61
N THR A 193 -17.16 -0.12 -17.64
CA THR A 193 -18.15 -0.99 -18.27
C THR A 193 -18.60 -0.48 -19.63
N GLY A 194 -18.16 0.70 -20.05
CA GLY A 194 -18.63 1.31 -21.27
C GLY A 194 -20.00 1.95 -21.17
N LYS A 195 -20.67 1.83 -20.03
CA LYS A 195 -21.98 2.43 -19.83
C LYS A 195 -21.84 3.89 -19.40
N THR A 196 -22.90 4.66 -19.64
CA THR A 196 -22.92 6.08 -19.32
C THR A 196 -23.76 6.32 -18.07
N ALA A 197 -23.20 7.04 -17.11
CA ALA A 197 -23.99 7.56 -16.00
C ALA A 197 -24.41 8.99 -16.34
N THR A 198 -25.71 9.24 -16.36
CA THR A 198 -26.19 10.58 -16.72
C THR A 198 -26.22 11.50 -15.50
N PRO A 199 -26.27 12.81 -15.72
CA PRO A 199 -26.42 13.73 -14.58
C PRO A 199 -27.64 13.44 -13.72
N GLU A 200 -28.80 13.12 -14.34
CA GLU A 200 -29.98 12.81 -13.52
C GLU A 200 -29.76 11.55 -12.71
N GLN A 201 -29.09 10.54 -13.27
CA GLN A 201 -28.84 9.33 -12.51
C GLN A 201 -27.93 9.62 -11.32
N ALA A 202 -26.89 10.42 -11.53
CA ALA A 202 -26.02 10.79 -10.42
C ALA A 202 -26.76 11.61 -9.39
N GLN A 203 -27.49 12.63 -9.83
CA GLN A 203 -28.27 13.48 -8.93
C GLN A 203 -29.25 12.64 -8.11
N ASP A 204 -29.88 11.63 -8.73
CA ASP A 204 -30.88 10.85 -8.00
C ASP A 204 -30.25 10.09 -6.85
N VAL A 205 -29.07 9.50 -7.07
CA VAL A 205 -28.40 8.79 -5.99
C VAL A 205 -27.96 9.76 -4.90
N HIS A 206 -27.38 10.90 -5.29
CA HIS A 206 -26.95 11.88 -4.29
C HIS A 206 -28.13 12.35 -3.44
N ALA A 207 -29.29 12.62 -4.07
CA ALA A 207 -30.46 13.05 -3.32
C ALA A 207 -30.94 11.97 -2.37
N LYS A 208 -30.91 10.71 -2.80
CA LYS A 208 -31.34 9.63 -1.93
C LYS A 208 -30.34 9.39 -0.79
N LEU A 209 -29.05 9.58 -1.05
CA LEU A 209 -28.07 9.49 0.02
C LEU A 209 -28.26 10.60 1.04
N ARG A 210 -28.52 11.83 0.58
CA ARG A 210 -28.71 12.92 1.53
C ARG A 210 -29.97 12.70 2.36
N GLN A 211 -31.03 12.16 1.74
CA GLN A 211 -32.23 11.85 2.50
C GLN A 211 -31.95 10.75 3.52
N TRP A 212 -31.13 9.77 3.14
CA TRP A 212 -30.75 8.72 4.08
C TRP A 212 -30.05 9.31 5.30
N LEU A 213 -29.12 10.24 5.05
CA LEU A 213 -28.48 10.96 6.16
C LEU A 213 -29.52 11.70 7.00
N ARG A 214 -30.48 12.36 6.35
CA ARG A 214 -31.54 13.06 7.05
C ARG A 214 -32.29 12.12 8.00
N ASP A 215 -32.66 10.94 7.49
CA ASP A 215 -33.53 10.02 8.22
C ASP A 215 -32.77 9.17 9.23
N ASN A 216 -31.47 8.95 9.02
CA ASN A 216 -30.73 7.99 9.85
C ASN A 216 -29.65 8.61 10.70
N VAL A 217 -29.21 9.83 10.40
CA VAL A 217 -28.20 10.47 11.23
C VAL A 217 -28.83 11.72 11.83
N SER A 218 -28.98 12.77 11.01
CA SER A 218 -29.66 13.97 11.44
C SER A 218 -29.86 14.90 10.25
N PRO A 219 -30.89 15.76 10.29
CA PRO A 219 -30.99 16.79 9.24
C PRO A 219 -29.78 17.72 9.18
N GLN A 220 -29.19 18.03 10.34
CA GLN A 220 -28.02 18.89 10.36
C GLN A 220 -26.86 18.25 9.59
N VAL A 221 -26.64 16.95 9.79
CA VAL A 221 -25.55 16.26 9.08
C VAL A 221 -25.84 16.19 7.58
N ALA A 222 -27.09 15.89 7.21
CA ALA A 222 -27.41 15.79 5.80
C ALA A 222 -27.22 17.13 5.08
N GLU A 223 -27.52 18.23 5.76
CA GLU A 223 -27.43 19.52 5.09
C GLU A 223 -26.02 20.05 5.01
N SER A 224 -25.11 19.62 5.89
CA SER A 224 -23.75 20.15 5.89
C SER A 224 -22.72 19.22 5.28
N THR A 225 -23.03 17.94 5.10
CA THR A 225 -22.04 16.98 4.61
C THR A 225 -21.95 17.01 3.09
N ARG A 226 -20.73 17.20 2.58
CA ARG A 226 -20.51 17.16 1.13
C ARG A 226 -20.63 15.73 0.63
N ILE A 227 -21.37 15.54 -0.46
CA ILE A 227 -21.45 14.28 -1.18
C ILE A 227 -20.93 14.57 -2.58
N ILE A 228 -19.78 14.01 -2.92
CA ILE A 228 -19.12 14.32 -4.18
C ILE A 228 -19.28 13.14 -5.13
N TYR A 229 -19.28 13.46 -6.43
CA TYR A 229 -19.50 12.47 -7.48
C TYR A 229 -18.16 11.96 -7.99
N GLY A 230 -18.01 10.64 -7.99
CA GLY A 230 -16.76 10.00 -8.34
C GLY A 230 -16.89 9.08 -9.53
N GLY A 231 -17.81 9.40 -10.43
CA GLY A 231 -17.82 8.82 -11.75
C GLY A 231 -16.79 9.49 -12.64
N SER A 232 -16.91 9.23 -13.94
CA SER A 232 -15.98 9.82 -14.90
C SER A 232 -16.26 11.32 -14.99
N VAL A 233 -15.33 12.13 -14.53
CA VAL A 233 -15.49 13.59 -14.54
C VAL A 233 -14.39 14.17 -15.40
N SER A 234 -14.78 15.04 -16.33
CA SER A 234 -13.85 15.64 -17.26
C SER A 234 -14.19 17.11 -17.42
N ALA A 235 -13.26 17.87 -18.02
CA ALA A 235 -13.58 19.24 -18.39
C ALA A 235 -14.83 19.29 -19.26
N GLY A 236 -15.05 18.26 -20.08
CA GLY A 236 -16.19 18.26 -20.98
C GLY A 236 -17.53 18.09 -20.31
N ASN A 237 -17.58 17.38 -19.17
CA ASN A 237 -18.86 17.14 -18.52
C ASN A 237 -19.01 17.77 -17.13
N CYS A 238 -18.00 18.48 -16.63
CA CYS A 238 -18.07 18.90 -15.23
C CYS A 238 -19.19 19.90 -14.98
N LYS A 239 -19.45 20.79 -15.94
CA LYS A 239 -20.46 21.80 -15.70
C LYS A 239 -21.86 21.20 -15.61
N GLU A 240 -22.14 20.14 -16.39
CA GLU A 240 -23.44 19.46 -16.31
C GLU A 240 -23.67 18.89 -14.91
N LEU A 241 -22.61 18.41 -14.28
CA LEU A 241 -22.75 17.67 -13.04
C LEU A 241 -22.68 18.55 -11.80
N ALA A 242 -22.07 19.74 -11.92
CA ALA A 242 -21.68 20.48 -10.73
C ALA A 242 -22.85 21.13 -10.02
N LYS A 243 -23.98 21.34 -10.70
CA LYS A 243 -25.08 22.11 -10.13
C LYS A 243 -26.40 21.35 -10.20
N THR A 244 -26.36 20.01 -10.13
CA THR A 244 -27.60 19.25 -10.21
C THR A 244 -28.47 19.39 -8.98
N GLY A 245 -27.89 19.77 -7.83
CA GLY A 245 -28.70 19.99 -6.65
C GLY A 245 -28.12 19.36 -5.40
N ASP A 246 -27.66 18.12 -5.52
CA ASP A 246 -27.09 17.39 -4.39
C ASP A 246 -25.68 16.88 -4.68
N ILE A 247 -25.09 17.26 -5.81
CA ILE A 247 -23.69 16.99 -6.10
C ILE A 247 -22.86 18.17 -5.59
N ASP A 248 -21.96 17.89 -4.66
CA ASP A 248 -21.19 18.93 -3.99
C ASP A 248 -19.77 19.05 -4.50
N GLY A 249 -19.46 18.39 -5.62
CA GLY A 249 -18.12 18.37 -6.14
C GLY A 249 -17.79 17.01 -6.68
N PHE A 250 -16.50 16.73 -6.82
CA PHE A 250 -16.05 15.59 -7.59
C PHE A 250 -14.88 14.89 -6.92
N LEU A 251 -14.82 13.57 -7.11
CA LEU A 251 -13.58 12.81 -6.92
C LEU A 251 -13.14 12.40 -8.33
N VAL A 252 -12.14 13.09 -8.85
CA VAL A 252 -11.77 13.02 -10.26
C VAL A 252 -10.66 12.00 -10.44
N GLY A 253 -10.76 11.22 -11.52
CA GLY A 253 -9.71 10.28 -11.87
C GLY A 253 -8.67 10.83 -12.85
N GLY A 254 -8.62 10.24 -14.05
CA GLY A 254 -7.55 10.57 -14.99
C GLY A 254 -7.45 12.04 -15.34
N ALA A 255 -8.56 12.76 -15.35
CA ALA A 255 -8.49 14.19 -15.69
C ALA A 255 -7.75 15.00 -14.62
N SER A 256 -7.51 14.45 -13.43
CA SER A 256 -6.71 15.16 -12.45
C SER A 256 -5.23 15.17 -12.80
N LEU A 257 -4.81 14.38 -13.79
CA LEU A 257 -3.41 14.33 -14.20
C LEU A 257 -3.05 15.39 -15.22
N LYS A 258 -4.01 16.20 -15.68
CA LYS A 258 -3.71 17.15 -16.74
C LYS A 258 -4.32 18.52 -16.43
N PRO A 259 -3.92 19.57 -17.14
CA PRO A 259 -4.41 20.92 -16.79
C PRO A 259 -5.91 21.07 -16.81
N ASP A 260 -6.63 20.18 -17.51
CA ASP A 260 -8.10 20.14 -17.47
C ASP A 260 -8.64 20.18 -16.05
N PHE A 261 -7.90 19.63 -15.09
CA PHE A 261 -8.35 19.61 -13.70
C PHE A 261 -8.69 21.01 -13.20
N VAL A 262 -8.00 22.04 -13.70
CA VAL A 262 -8.31 23.40 -13.26
C VAL A 262 -9.71 23.79 -13.71
N THR A 263 -10.10 23.39 -14.92
CA THR A 263 -11.46 23.66 -15.40
C THR A 263 -12.49 23.01 -14.50
N ILE A 264 -12.23 21.77 -14.07
CA ILE A 264 -13.14 21.05 -13.21
C ILE A 264 -13.25 21.73 -11.85
N ILE A 265 -12.12 22.16 -11.29
CA ILE A 265 -12.12 22.94 -10.06
C ILE A 265 -13.02 24.16 -10.20
N ASN A 266 -12.99 24.79 -11.38
CA ASN A 266 -13.78 25.98 -11.66
C ASN A 266 -15.14 25.65 -12.28
N ALA A 267 -15.68 24.46 -12.02
CA ALA A 267 -16.90 24.01 -12.72
C ALA A 267 -18.10 24.89 -12.39
N ARG A 268 -18.14 25.50 -11.22
CA ARG A 268 -19.25 26.39 -10.88
C ARG A 268 -19.02 27.81 -11.34
N ALA A 269 -17.82 28.14 -11.80
CA ALA A 269 -17.52 29.49 -12.29
C ALA A 269 -17.83 29.60 -13.77
N GLN B 25 31.17 -18.14 -0.05
CA GLN B 25 30.99 -17.82 -1.46
C GLN B 25 29.80 -16.87 -1.66
N ARG B 26 28.67 -17.19 -1.03
CA ARG B 26 27.50 -16.32 -1.11
C ARG B 26 27.62 -15.19 -0.09
N LYS B 27 27.37 -13.96 -0.53
CA LYS B 27 27.51 -12.83 0.37
C LYS B 27 26.37 -12.82 1.39
N PHE B 28 26.75 -12.76 2.68
CA PHE B 28 25.77 -12.71 3.76
C PHE B 28 24.82 -11.54 3.57
N PHE B 29 23.52 -11.78 3.75
CA PHE B 29 22.49 -10.80 3.42
C PHE B 29 21.57 -10.61 4.62
N VAL B 30 21.47 -9.37 5.12
CA VAL B 30 20.59 -9.09 6.26
C VAL B 30 19.62 -7.99 5.85
N GLY B 31 18.34 -8.34 5.76
CA GLY B 31 17.28 -7.38 5.51
C GLY B 31 16.54 -7.07 6.80
N GLY B 32 16.11 -5.82 6.94
CA GLY B 32 15.32 -5.45 8.09
C GLY B 32 13.94 -4.97 7.69
N ASN B 33 12.91 -5.76 7.98
CA ASN B 33 11.53 -5.41 7.59
C ASN B 33 10.90 -4.63 8.74
N TRP B 34 10.78 -3.30 8.57
CA TRP B 34 10.21 -2.48 9.63
C TRP B 34 8.71 -2.68 9.77
N LYS B 35 8.07 -3.28 8.79
CA LYS B 35 6.61 -3.48 8.73
C LYS B 35 5.95 -2.11 8.90
N MET B 36 4.78 -2.06 9.55
CA MET B 36 4.05 -0.80 9.70
C MET B 36 4.48 -0.13 11.00
N ASN B 37 5.75 0.27 11.01
CA ASN B 37 6.35 0.94 12.15
C ASN B 37 7.25 2.06 11.64
N GLY B 38 7.20 3.19 12.33
CA GLY B 38 8.14 4.24 12.03
C GLY B 38 7.49 5.59 11.79
N ASP B 39 8.29 6.62 12.02
CA ASP B 39 8.03 7.98 11.55
C ASP B 39 9.40 8.60 11.29
N LYS B 40 9.41 9.84 10.80
CA LYS B 40 10.69 10.46 10.48
C LYS B 40 11.67 10.37 11.64
N ALA B 41 11.22 10.73 12.85
CA ALA B 41 12.13 10.76 14.00
C ALA B 41 12.59 9.37 14.38
N ALA B 42 11.70 8.38 14.33
CA ALA B 42 12.10 7.02 14.65
C ALA B 42 13.06 6.46 13.59
N ILE B 43 12.81 6.79 12.32
CA ILE B 43 13.71 6.34 11.27
C ILE B 43 15.08 7.00 11.43
N ASP B 44 15.11 8.26 11.85
CA ASP B 44 16.39 8.91 12.16
C ASP B 44 17.16 8.13 13.22
N GLY B 45 16.45 7.59 14.21
CA GLY B 45 17.12 6.84 15.26
C GLY B 45 17.71 5.54 14.73
N ILE B 46 17.00 4.87 13.83
CA ILE B 46 17.52 3.69 13.17
C ILE B 46 18.76 4.04 12.35
N ILE B 47 18.65 5.08 11.52
CA ILE B 47 19.79 5.54 10.74
C ILE B 47 20.99 5.81 11.63
N SER B 48 20.75 6.37 12.82
CA SER B 48 21.83 6.69 13.74
C SER B 48 22.68 5.46 14.07
N PHE B 49 22.05 4.33 14.40
CA PHE B 49 22.88 3.18 14.73
C PHE B 49 23.38 2.45 13.49
N MET B 50 22.75 2.69 12.34
CA MET B 50 23.24 2.17 11.06
C MET B 50 24.48 2.89 10.56
N LYS B 51 24.80 4.05 11.14
CA LYS B 51 26.04 4.71 10.76
C LYS B 51 27.23 4.20 11.55
N GLY B 52 26.99 3.36 12.55
CA GLY B 52 28.05 2.82 13.36
C GLY B 52 28.85 1.75 12.64
N PRO B 53 29.50 0.88 13.42
CA PRO B 53 30.41 -0.10 12.82
C PRO B 53 29.68 -1.33 12.28
N LEU B 54 29.46 -1.38 10.97
CA LEU B 54 28.80 -2.51 10.34
C LEU B 54 29.83 -3.45 9.72
N ASN B 55 29.54 -4.74 9.78
CA ASN B 55 30.35 -5.74 9.09
C ASN B 55 30.38 -5.44 7.60
N ALA B 56 31.58 -5.20 7.08
CA ALA B 56 31.72 -4.79 5.68
C ALA B 56 31.40 -5.92 4.70
N ASP B 57 31.35 -7.17 5.16
CA ASP B 57 31.06 -8.31 4.31
C ASP B 57 29.58 -8.64 4.22
N THR B 58 28.72 -7.83 4.84
CA THR B 58 27.28 -8.10 4.84
C THR B 58 26.58 -7.11 3.93
N GLU B 59 25.70 -7.63 3.08
CA GLU B 59 24.82 -6.81 2.27
C GLU B 59 23.57 -6.51 3.09
N VAL B 60 23.28 -5.22 3.31
CA VAL B 60 22.24 -4.80 4.23
C VAL B 60 21.18 -4.01 3.48
N VAL B 61 19.91 -4.33 3.71
CA VAL B 61 18.77 -3.64 3.12
C VAL B 61 17.75 -3.41 4.23
N VAL B 62 17.12 -2.23 4.24
CA VAL B 62 16.03 -1.95 5.17
C VAL B 62 14.73 -1.81 4.38
N GLY B 63 13.67 -2.44 4.90
CA GLY B 63 12.37 -2.34 4.26
C GLY B 63 11.45 -1.40 5.03
N CYS B 64 11.26 -0.17 4.52
CA CYS B 64 10.52 0.85 5.24
C CYS B 64 9.08 0.91 4.75
N PRO B 65 8.18 1.53 5.52
CA PRO B 65 6.80 1.68 5.05
C PRO B 65 6.75 2.44 3.73
N GLN B 66 5.66 2.20 2.98
CA GLN B 66 5.52 2.73 1.63
C GLN B 66 5.74 4.24 1.55
N CYS B 67 5.36 4.98 2.58
CA CYS B 67 5.41 6.45 2.51
C CYS B 67 6.76 7.02 2.96
N TYR B 68 7.74 6.16 3.30
CA TYR B 68 9.04 6.61 3.76
C TYR B 68 10.19 6.20 2.84
N LEU B 69 9.88 5.67 1.64
CA LEU B 69 10.93 5.24 0.73
C LEU B 69 11.91 6.37 0.41
N MET B 70 11.38 7.50 -0.07
CA MET B 70 12.26 8.59 -0.47
C MET B 70 12.98 9.18 0.73
N TYR B 71 12.27 9.34 1.85
CA TYR B 71 12.90 9.87 3.06
C TYR B 71 14.04 8.98 3.54
N THR B 72 13.78 7.67 3.59
CA THR B 72 14.80 6.75 4.08
C THR B 72 16.00 6.72 3.14
N ARG B 73 15.76 6.67 1.82
CA ARG B 73 16.87 6.65 0.89
C ARG B 73 17.69 7.93 1.00
N GLU B 74 17.03 9.07 1.20
CA GLU B 74 17.74 10.34 1.26
C GLU B 74 18.67 10.42 2.47
N HIS B 75 18.27 9.81 3.59
CA HIS B 75 18.99 10.01 4.85
C HIS B 75 19.81 8.80 5.28
N MET B 76 19.55 7.63 4.73
CA MET B 76 20.30 6.43 5.04
C MET B 76 21.58 6.39 4.22
N PRO B 77 22.72 6.05 4.83
CA PRO B 77 23.99 5.96 4.08
C PRO B 77 23.87 5.08 2.85
N ALA B 78 24.61 5.46 1.80
CA ALA B 78 24.43 4.84 0.49
C ALA B 78 24.83 3.37 0.47
N ASN B 79 25.69 2.94 1.39
CA ASN B 79 26.07 1.53 1.44
C ASN B 79 24.92 0.62 1.87
N ILE B 80 23.84 1.19 2.44
CA ILE B 80 22.68 0.43 2.88
C ILE B 80 21.61 0.52 1.80
N GLY B 81 21.02 -0.63 1.43
CA GLY B 81 19.95 -0.62 0.47
C GLY B 81 18.62 -0.32 1.11
N VAL B 82 17.64 0.13 0.31
CA VAL B 82 16.30 0.42 0.81
C VAL B 82 15.28 -0.33 -0.04
N ALA B 83 14.34 -1.00 0.64
CA ALA B 83 13.32 -1.82 -0.01
C ALA B 83 11.93 -1.29 0.29
N ALA B 84 11.07 -1.29 -0.72
CA ALA B 84 9.65 -1.17 -0.48
C ALA B 84 9.12 -2.47 0.13
N GLN B 85 8.02 -2.37 0.86
CA GLN B 85 7.40 -3.52 1.49
C GLN B 85 6.37 -4.21 0.60
N ASN B 86 6.07 -3.63 -0.56
CA ASN B 86 5.13 -4.21 -1.52
C ASN B 86 5.15 -3.33 -2.77
N CYS B 87 4.70 -3.88 -3.88
CA CYS B 87 4.43 -3.10 -5.07
C CYS B 87 3.40 -3.85 -5.91
N TYR B 88 2.92 -3.20 -6.98
CA TYR B 88 1.97 -3.86 -7.85
C TYR B 88 2.69 -4.36 -9.11
N LYS B 89 1.93 -4.93 -10.05
CA LYS B 89 2.50 -5.73 -11.13
C LYS B 89 2.48 -5.02 -12.49
N THR B 90 2.29 -3.71 -12.50
CA THR B 90 2.38 -2.94 -13.73
C THR B 90 2.88 -1.55 -13.35
N ALA B 91 3.33 -0.78 -14.36
CA ALA B 91 4.03 0.47 -14.08
C ALA B 91 3.08 1.57 -13.62
N LYS B 92 1.83 1.50 -14.07
CA LYS B 92 0.91 2.60 -13.90
C LYS B 92 -0.51 2.10 -14.13
N GLY B 93 -1.48 2.78 -13.52
CA GLY B 93 -2.86 2.54 -13.88
C GLY B 93 -3.81 2.82 -12.72
N ALA B 94 -5.04 2.33 -12.89
CA ALA B 94 -6.15 2.63 -11.98
C ALA B 94 -6.15 1.64 -10.83
N PHE B 95 -5.16 1.81 -9.93
CA PHE B 95 -4.96 0.92 -8.79
C PHE B 95 -4.70 1.81 -7.57
N THR B 96 -5.76 2.48 -7.12
CA THR B 96 -5.68 3.37 -5.96
C THR B 96 -5.08 2.62 -4.77
N GLY B 97 -4.08 3.24 -4.14
CA GLY B 97 -3.43 2.64 -2.98
C GLY B 97 -2.18 1.83 -3.29
N GLU B 98 -1.90 1.56 -4.56
CA GLU B 98 -0.73 0.77 -4.96
C GLU B 98 0.42 1.67 -5.39
N ILE B 99 1.63 1.12 -5.35
CA ILE B 99 2.78 1.77 -5.94
C ILE B 99 3.47 0.79 -6.87
N SER B 100 4.18 1.32 -7.84
CA SER B 100 4.80 0.48 -8.87
C SER B 100 6.31 0.47 -8.72
N PRO B 101 6.99 -0.51 -9.31
CA PRO B 101 8.46 -0.47 -9.33
C PRO B 101 9.04 0.82 -9.89
N ALA B 102 8.42 1.41 -10.92
CA ALA B 102 8.92 2.68 -11.45
C ALA B 102 8.95 3.75 -10.36
N MET B 103 7.91 3.79 -9.52
CA MET B 103 7.87 4.74 -8.41
C MET B 103 8.94 4.43 -7.38
N ILE B 104 9.14 3.15 -7.09
CA ILE B 104 10.17 2.77 -6.11
C ILE B 104 11.54 3.23 -6.59
N LYS B 105 11.84 2.99 -7.86
CA LYS B 105 13.11 3.46 -8.43
C LYS B 105 13.20 4.98 -8.42
N ASP B 106 12.08 5.66 -8.70
CA ASP B 106 12.07 7.12 -8.68
C ASP B 106 12.35 7.66 -7.29
N CYS B 107 11.97 6.90 -6.25
CA CYS B 107 12.32 7.25 -4.89
C CYS B 107 13.77 6.92 -4.55
N GLY B 108 14.54 6.41 -5.51
CA GLY B 108 15.94 6.10 -5.30
C GLY B 108 16.20 4.74 -4.70
N CYS B 109 15.20 3.88 -4.58
CA CYS B 109 15.33 2.60 -3.92
C CYS B 109 15.46 1.48 -4.94
N GLU B 110 16.13 0.39 -4.57
CA GLU B 110 16.33 -0.66 -5.57
C GLU B 110 15.78 -2.02 -5.19
N TRP B 111 15.13 -2.16 -4.04
CA TRP B 111 14.65 -3.44 -3.58
C TRP B 111 13.14 -3.41 -3.33
N VAL B 112 12.52 -4.59 -3.39
CA VAL B 112 11.14 -4.72 -2.93
C VAL B 112 10.96 -6.10 -2.31
N ILE B 113 10.26 -6.13 -1.20
CA ILE B 113 9.84 -7.37 -0.55
C ILE B 113 8.49 -7.76 -1.14
N LEU B 114 8.37 -9.01 -1.59
CA LEU B 114 7.16 -9.48 -2.25
C LEU B 114 6.68 -10.79 -1.65
N GLY B 115 5.36 -10.93 -1.52
CA GLY B 115 4.81 -12.16 -0.99
C GLY B 115 5.04 -12.38 0.49
N HIS B 116 5.33 -11.33 1.27
CA HIS B 116 5.42 -11.50 2.72
C HIS B 116 4.16 -12.18 3.24
N SER B 117 4.34 -13.02 4.26
CA SER B 117 3.20 -13.79 4.78
C SER B 117 2.04 -12.91 5.21
N GLU B 118 2.32 -11.69 5.67
CA GLU B 118 1.21 -10.79 6.00
C GLU B 118 0.43 -10.41 4.75
N ARG B 119 1.12 -10.17 3.62
CA ARG B 119 0.41 -9.88 2.37
C ARG B 119 -0.39 -11.08 1.91
N ARG B 120 0.19 -12.28 2.01
CA ARG B 120 -0.49 -13.49 1.56
C ARG B 120 -1.70 -13.79 2.43
N ASN B 121 -1.57 -13.65 3.74
CA ASN B 121 -2.57 -14.20 4.64
C ASN B 121 -3.49 -13.15 5.27
N VAL B 122 -2.98 -11.98 5.63
CA VAL B 122 -3.87 -10.92 6.08
C VAL B 122 -4.57 -10.27 4.89
N PHE B 123 -3.84 -10.06 3.80
CA PHE B 123 -4.39 -9.33 2.66
C PHE B 123 -4.66 -10.21 1.45
N GLY B 124 -4.52 -11.53 1.61
CA GLY B 124 -5.06 -12.46 0.62
C GLY B 124 -4.33 -12.55 -0.70
N GLU B 125 -3.08 -12.13 -0.77
CA GLU B 125 -2.36 -12.14 -2.06
C GLU B 125 -2.00 -13.57 -2.47
N PRO B 126 -2.46 -14.04 -3.62
CA PRO B 126 -2.18 -15.41 -4.05
C PRO B 126 -0.84 -15.54 -4.77
N ASP B 127 -0.41 -16.80 -4.91
CA ASP B 127 0.89 -17.08 -5.54
C ASP B 127 1.00 -16.48 -6.93
N GLN B 128 -0.07 -16.58 -7.74
CA GLN B 128 0.04 -16.08 -9.10
C GLN B 128 0.28 -14.58 -9.12
N LEU B 129 -0.36 -13.84 -8.21
CA LEU B 129 -0.14 -12.40 -8.15
C LEU B 129 1.28 -12.08 -7.71
N ILE B 130 1.78 -12.80 -6.70
CA ILE B 130 3.13 -12.53 -6.21
C ILE B 130 4.14 -12.80 -7.32
N SER B 131 3.94 -13.88 -8.09
CA SER B 131 4.85 -14.19 -9.19
C SER B 131 4.83 -13.09 -10.25
N GLU B 132 3.63 -12.60 -10.61
CA GLU B 132 3.55 -11.51 -11.57
C GLU B 132 4.23 -10.25 -11.06
N LYS B 133 4.08 -9.95 -9.77
CA LYS B 133 4.79 -8.80 -9.19
C LYS B 133 6.29 -8.99 -9.29
N VAL B 134 6.78 -10.20 -8.96
CA VAL B 134 8.21 -10.48 -9.06
C VAL B 134 8.69 -10.25 -10.49
N GLY B 135 7.95 -10.75 -11.48
CA GLY B 135 8.38 -10.57 -12.86
C GLY B 135 8.41 -9.12 -13.28
N HIS B 136 7.37 -8.37 -12.93
CA HIS B 136 7.34 -6.96 -13.29
C HIS B 136 8.45 -6.18 -12.59
N ALA B 137 8.66 -6.46 -11.30
CA ALA B 137 9.70 -5.75 -10.56
C ALA B 137 11.08 -6.01 -11.17
N LEU B 138 11.37 -7.26 -11.54
CA LEU B 138 12.66 -7.55 -12.17
C LEU B 138 12.77 -6.87 -13.53
N GLU B 139 11.70 -6.87 -14.32
CA GLU B 139 11.78 -6.22 -15.63
C GLU B 139 12.00 -4.72 -15.49
N ALA B 140 11.50 -4.12 -14.41
CA ALA B 140 11.65 -2.70 -14.14
C ALA B 140 13.03 -2.35 -13.57
N GLY B 141 13.83 -3.35 -13.20
CA GLY B 141 15.15 -3.09 -12.69
C GLY B 141 15.31 -3.15 -11.18
N LEU B 142 14.28 -3.57 -10.46
CA LEU B 142 14.42 -3.76 -9.01
C LEU B 142 15.08 -5.11 -8.71
N LYS B 143 15.60 -5.21 -7.48
CA LYS B 143 15.97 -6.48 -6.89
C LYS B 143 14.86 -6.88 -5.94
N VAL B 144 14.63 -8.19 -5.80
CA VAL B 144 13.40 -8.68 -5.15
C VAL B 144 13.75 -9.66 -4.04
N ILE B 145 12.98 -9.60 -2.96
CA ILE B 145 13.01 -10.59 -1.88
C ILE B 145 11.66 -11.28 -1.83
N PRO B 146 11.45 -12.34 -2.63
CA PRO B 146 10.20 -13.08 -2.55
C PRO B 146 10.20 -13.94 -1.29
N CYS B 147 9.10 -13.89 -0.55
CA CYS B 147 8.94 -14.65 0.69
C CYS B 147 8.04 -15.85 0.46
N ILE B 148 8.40 -16.98 1.06
CA ILE B 148 7.65 -18.23 0.96
C ILE B 148 7.57 -18.86 2.34
N GLY B 149 6.71 -19.87 2.48
CA GLY B 149 6.64 -20.58 3.75
C GLY B 149 5.29 -21.23 3.99
N GLU B 150 5.26 -22.29 4.78
CA GLU B 150 4.06 -23.09 4.97
C GLU B 150 3.36 -22.74 6.29
N LYS B 151 2.03 -22.88 6.28
CA LYS B 151 1.19 -22.61 7.44
C LYS B 151 1.16 -23.81 8.37
N LEU B 152 0.60 -23.61 9.56
CA LEU B 152 0.62 -24.66 10.58
C LEU B 152 -0.08 -25.92 10.09
N GLU B 153 -1.28 -25.78 9.51
CA GLU B 153 -1.99 -26.97 9.07
C GLU B 153 -1.21 -27.73 8.00
N GLU B 154 -0.44 -27.01 7.18
CA GLU B 154 0.35 -27.65 6.14
C GLU B 154 1.55 -28.39 6.71
N ARG B 155 2.22 -27.80 7.70
CA ARG B 155 3.31 -28.52 8.36
C ARG B 155 2.79 -29.75 9.10
N GLU B 156 1.65 -29.62 9.77
CA GLU B 156 1.12 -30.73 10.55
C GLU B 156 0.63 -31.90 9.68
N SER B 157 0.32 -31.65 8.41
CA SER B 157 0.00 -32.75 7.50
C SER B 157 1.22 -33.19 6.70
N ASN B 158 2.43 -32.82 7.13
CA ASN B 158 3.68 -33.26 6.52
C ASN B 158 3.82 -32.75 5.08
N ARG B 159 3.36 -31.53 4.84
CA ARG B 159 3.38 -30.98 3.49
C ARG B 159 4.31 -29.79 3.36
N THR B 160 5.32 -29.67 4.24
CA THR B 160 6.25 -28.55 4.14
C THR B 160 6.90 -28.50 2.76
N GLU B 161 7.49 -29.61 2.32
CA GLU B 161 8.14 -29.64 1.02
C GLU B 161 7.17 -29.30 -0.11
N GLU B 162 6.04 -30.00 -0.15
CA GLU B 162 5.05 -29.74 -1.20
C GLU B 162 4.71 -28.26 -1.27
N VAL B 163 4.51 -27.63 -0.12
CA VAL B 163 4.06 -26.23 -0.13
C VAL B 163 5.16 -25.30 -0.61
N VAL B 164 6.35 -25.38 0.00
CA VAL B 164 7.37 -24.41 -0.38
C VAL B 164 7.89 -24.69 -1.80
N PHE B 165 7.90 -25.96 -2.22
CA PHE B 165 8.25 -26.27 -3.60
C PHE B 165 7.22 -25.70 -4.57
N ALA B 166 5.93 -25.82 -4.23
CA ALA B 166 4.90 -25.26 -5.10
C ALA B 166 5.01 -23.74 -5.16
N GLN B 167 5.38 -23.10 -4.05
CA GLN B 167 5.53 -21.66 -4.06
C GLN B 167 6.73 -21.24 -4.91
N MET B 168 7.83 -22.00 -4.83
CA MET B 168 8.97 -21.74 -5.71
C MET B 168 8.60 -21.94 -7.17
N LYS B 169 7.88 -23.02 -7.46
CA LYS B 169 7.52 -23.32 -8.84
C LYS B 169 6.63 -22.23 -9.43
N ALA B 170 5.81 -21.60 -8.59
CA ALA B 170 4.99 -20.50 -9.07
C ALA B 170 5.83 -19.28 -9.43
N LEU B 171 6.95 -19.09 -8.73
CA LEU B 171 7.79 -17.91 -8.94
C LEU B 171 8.71 -18.05 -10.14
N VAL B 172 9.28 -19.23 -10.36
CA VAL B 172 10.36 -19.45 -11.33
C VAL B 172 10.04 -18.94 -12.73
N PRO B 173 8.83 -19.11 -13.28
CA PRO B 173 8.57 -18.58 -14.62
C PRO B 173 8.76 -17.08 -14.74
N ASN B 174 8.73 -16.35 -13.63
CA ASN B 174 8.85 -14.90 -13.66
C ASN B 174 10.19 -14.42 -13.13
N ILE B 175 11.15 -15.31 -12.93
CA ILE B 175 12.47 -14.93 -12.47
C ILE B 175 13.42 -15.10 -13.64
N SER B 176 13.72 -14.00 -14.31
CA SER B 176 14.64 -13.97 -15.44
C SER B 176 16.07 -13.69 -15.04
N ASP B 177 16.32 -13.32 -13.78
CA ASP B 177 17.66 -12.91 -13.36
C ASP B 177 17.82 -13.29 -11.89
N TRP B 178 18.35 -14.49 -11.64
CA TRP B 178 18.51 -14.96 -10.27
C TRP B 178 19.53 -14.14 -9.48
N SER B 179 20.41 -13.40 -10.15
CA SER B 179 21.36 -12.56 -9.42
C SER B 179 20.67 -11.41 -8.67
N ARG B 180 19.43 -11.10 -9.02
CA ARG B 180 18.70 -9.99 -8.40
C ARG B 180 17.60 -10.49 -7.48
N VAL B 181 17.71 -11.73 -6.99
CA VAL B 181 16.72 -12.37 -6.16
C VAL B 181 17.39 -12.85 -4.88
N VAL B 182 16.72 -12.63 -3.75
CA VAL B 182 17.06 -13.27 -2.48
C VAL B 182 15.79 -13.92 -1.95
N ILE B 183 15.79 -15.24 -1.80
CA ILE B 183 14.61 -15.95 -1.32
C ILE B 183 14.57 -15.90 0.20
N ALA B 184 13.40 -15.56 0.76
CA ALA B 184 13.20 -15.57 2.21
C ALA B 184 12.21 -16.66 2.60
N TYR B 185 12.63 -17.53 3.51
CA TYR B 185 11.74 -18.54 4.09
C TYR B 185 11.19 -18.03 5.41
N GLU B 186 9.85 -17.95 5.51
CA GLU B 186 9.17 -17.63 6.75
C GLU B 186 8.56 -18.89 7.32
N PRO B 187 8.85 -19.26 8.56
CA PRO B 187 8.13 -20.39 9.19
C PRO B 187 6.75 -19.95 9.65
N VAL B 188 5.85 -19.77 8.68
CA VAL B 188 4.52 -19.21 8.97
C VAL B 188 3.81 -20.05 10.02
N TRP B 189 4.05 -21.36 10.02
CA TRP B 189 3.47 -22.25 11.00
C TRP B 189 3.82 -21.87 12.43
N ALA B 190 4.91 -21.14 12.64
CA ALA B 190 5.38 -20.74 13.96
C ALA B 190 5.10 -19.29 14.28
N ILE B 191 4.39 -18.58 13.41
CA ILE B 191 4.11 -17.15 13.58
C ILE B 191 2.73 -17.00 14.21
N GLY B 192 2.69 -16.52 15.45
CA GLY B 192 1.42 -16.29 16.13
C GLY B 192 0.70 -17.53 16.59
N THR B 193 1.32 -18.70 16.47
CA THR B 193 0.77 -19.95 16.95
C THR B 193 1.48 -20.37 18.24
N GLY B 194 1.11 -21.54 18.74
CA GLY B 194 1.82 -22.10 19.87
C GLY B 194 3.12 -22.80 19.55
N LYS B 195 3.56 -22.78 18.30
CA LYS B 195 4.77 -23.48 17.88
C LYS B 195 5.95 -22.53 17.81
N THR B 196 7.14 -23.07 18.09
CA THR B 196 8.40 -22.37 17.88
C THR B 196 9.24 -23.15 16.87
N ALA B 197 10.06 -22.42 16.14
CA ALA B 197 10.97 -23.02 15.15
C ALA B 197 12.37 -23.02 15.73
N THR B 198 13.06 -24.13 15.56
CA THR B 198 14.44 -24.23 16.00
C THR B 198 15.39 -23.95 14.86
N PRO B 199 16.64 -23.60 15.16
CA PRO B 199 17.63 -23.47 14.07
C PRO B 199 17.75 -24.72 13.22
N GLU B 200 17.63 -25.90 13.83
CA GLU B 200 17.69 -27.15 13.07
C GLU B 200 16.55 -27.24 12.06
N GLN B 201 15.35 -26.86 12.47
CA GLN B 201 14.20 -26.92 11.56
C GLN B 201 14.37 -25.93 10.41
N ALA B 202 14.90 -24.73 10.70
CA ALA B 202 15.14 -23.75 9.65
C ALA B 202 16.17 -24.25 8.66
N GLN B 203 17.30 -24.77 9.16
CA GLN B 203 18.35 -25.27 8.27
C GLN B 203 17.82 -26.37 7.36
N ASP B 204 16.96 -27.25 7.87
CA ASP B 204 16.50 -28.35 7.04
C ASP B 204 15.65 -27.83 5.87
N VAL B 205 14.80 -26.83 6.13
CA VAL B 205 14.03 -26.24 5.03
C VAL B 205 14.95 -25.58 4.03
N HIS B 206 15.94 -24.83 4.52
CA HIS B 206 16.88 -24.17 3.61
C HIS B 206 17.66 -25.17 2.77
N ALA B 207 18.10 -26.26 3.38
CA ALA B 207 18.79 -27.30 2.62
C ALA B 207 17.88 -27.89 1.55
N LYS B 208 16.61 -28.11 1.88
CA LYS B 208 15.70 -28.68 0.89
C LYS B 208 15.41 -27.68 -0.23
N LEU B 209 15.31 -26.39 0.12
CA LEU B 209 15.09 -25.37 -0.89
C LEU B 209 16.28 -25.23 -1.83
N ARG B 210 17.50 -25.29 -1.29
CA ARG B 210 18.67 -25.21 -2.16
C ARG B 210 18.75 -26.41 -3.08
N GLN B 211 18.42 -27.61 -2.59
CA GLN B 211 18.41 -28.78 -3.46
C GLN B 211 17.34 -28.63 -4.54
N TRP B 212 16.20 -28.03 -4.19
CA TRP B 212 15.16 -27.78 -5.18
C TRP B 212 15.68 -26.88 -6.29
N LEU B 213 16.41 -25.81 -5.92
CA LEU B 213 17.02 -24.95 -6.93
C LEU B 213 18.00 -25.73 -7.80
N ARG B 214 18.78 -26.63 -7.20
CA ARG B 214 19.69 -27.49 -7.96
C ARG B 214 18.93 -28.31 -9.00
N ASP B 215 17.85 -28.95 -8.56
CA ASP B 215 17.17 -29.92 -9.42
C ASP B 215 16.29 -29.27 -10.46
N ASN B 216 15.81 -28.05 -10.19
CA ASN B 216 14.78 -27.44 -11.02
C ASN B 216 15.23 -26.20 -11.75
N VAL B 217 16.30 -25.54 -11.32
CA VAL B 217 16.83 -24.39 -12.03
C VAL B 217 18.21 -24.75 -12.56
N SER B 218 19.23 -24.68 -11.70
CA SER B 218 20.57 -25.12 -12.06
C SER B 218 21.42 -25.21 -10.80
N PRO B 219 22.48 -26.02 -10.83
CA PRO B 219 23.42 -26.03 -9.69
C PRO B 219 24.08 -24.68 -9.47
N GLN B 220 24.36 -23.94 -10.55
CA GLN B 220 24.97 -22.62 -10.43
C GLN B 220 24.04 -21.65 -9.70
N VAL B 221 22.75 -21.67 -10.04
CA VAL B 221 21.78 -20.85 -9.30
C VAL B 221 21.67 -21.31 -7.86
N ALA B 222 21.67 -22.62 -7.62
CA ALA B 222 21.55 -23.08 -6.24
C ALA B 222 22.75 -22.67 -5.40
N GLU B 223 23.94 -22.68 -5.99
CA GLU B 223 25.15 -22.37 -5.23
C GLU B 223 25.29 -20.88 -4.97
N SER B 224 24.70 -20.03 -5.81
CA SER B 224 24.92 -18.59 -5.72
C SER B 224 23.76 -17.81 -5.15
N THR B 225 22.56 -18.40 -5.08
CA THR B 225 21.40 -17.65 -4.62
C THR B 225 21.29 -17.67 -3.09
N ARG B 226 21.16 -16.49 -2.50
CA ARG B 226 20.98 -16.39 -1.06
C ARG B 226 19.57 -16.81 -0.68
N ILE B 227 19.47 -17.70 0.32
CA ILE B 227 18.20 -18.07 0.93
C ILE B 227 18.28 -17.60 2.38
N ILE B 228 17.42 -16.66 2.76
CA ILE B 228 17.52 -16.03 4.06
C ILE B 228 16.34 -16.45 4.92
N TYR B 229 16.58 -16.48 6.22
CA TYR B 229 15.61 -16.97 7.19
C TYR B 229 14.79 -15.80 7.70
N GLY B 230 13.46 -15.93 7.60
CA GLY B 230 12.56 -14.87 8.00
C GLY B 230 11.68 -15.22 9.18
N GLY B 231 12.19 -16.09 10.06
CA GLY B 231 11.60 -16.33 11.36
C GLY B 231 12.06 -15.29 12.36
N SER B 232 11.88 -15.60 13.64
CA SER B 232 12.24 -14.66 14.70
C SER B 232 13.77 -14.66 14.86
N VAL B 233 14.39 -13.52 14.55
CA VAL B 233 15.85 -13.38 14.61
C VAL B 233 16.19 -12.33 15.66
N SER B 234 17.13 -12.66 16.54
CA SER B 234 17.52 -11.79 17.64
C SER B 234 19.03 -11.73 17.71
N ALA B 235 19.54 -10.77 18.49
CA ALA B 235 20.98 -10.74 18.75
C ALA B 235 21.46 -12.04 19.37
N GLY B 236 20.58 -12.72 20.11
CA GLY B 236 21.00 -13.92 20.84
C GLY B 236 21.05 -15.17 19.99
N ASN B 237 20.22 -15.27 18.96
CA ASN B 237 20.19 -16.49 18.15
C ASN B 237 20.82 -16.32 16.78
N CYS B 238 21.29 -15.13 16.42
CA CYS B 238 21.69 -14.91 15.04
C CYS B 238 22.98 -15.65 14.69
N LYS B 239 23.92 -15.77 15.63
CA LYS B 239 25.17 -16.46 15.30
C LYS B 239 24.92 -17.93 14.99
N GLU B 240 24.06 -18.59 15.78
CA GLU B 240 23.77 -20.00 15.53
C GLU B 240 23.06 -20.18 14.19
N LEU B 241 22.04 -19.36 13.92
CA LEU B 241 21.32 -19.47 12.66
C LEU B 241 22.24 -19.20 11.47
N ALA B 242 23.16 -18.24 11.61
CA ALA B 242 23.97 -17.83 10.47
C ALA B 242 25.00 -18.89 10.05
N LYS B 243 25.19 -19.92 10.86
CA LYS B 243 26.22 -20.92 10.60
C LYS B 243 25.67 -22.32 10.42
N THR B 244 24.35 -22.49 10.25
CA THR B 244 23.80 -23.83 10.10
C THR B 244 24.24 -24.49 8.78
N GLY B 245 24.57 -23.69 7.77
CA GLY B 245 25.06 -24.24 6.53
C GLY B 245 24.39 -23.67 5.30
N ASP B 246 23.06 -23.51 5.35
CA ASP B 246 22.31 -23.06 4.19
C ASP B 246 21.46 -21.83 4.47
N ILE B 247 21.67 -21.20 5.62
CA ILE B 247 21.02 -19.93 5.96
C ILE B 247 22.00 -18.83 5.62
N ASP B 248 21.65 -17.98 4.65
CA ASP B 248 22.55 -16.99 4.11
C ASP B 248 22.34 -15.61 4.70
N GLY B 249 21.59 -15.51 5.77
CA GLY B 249 21.21 -14.23 6.33
C GLY B 249 19.77 -14.27 6.76
N PHE B 250 19.18 -13.08 6.89
CA PHE B 250 17.91 -12.95 7.59
C PHE B 250 17.04 -11.89 6.95
N LEU B 251 15.73 -12.08 7.07
CA LEU B 251 14.75 -11.01 6.93
C LEU B 251 14.23 -10.73 8.35
N VAL B 252 14.79 -9.72 8.99
CA VAL B 252 14.58 -9.49 10.42
C VAL B 252 13.31 -8.67 10.62
N GLY B 253 12.53 -9.06 11.62
CA GLY B 253 11.35 -8.29 11.98
C GLY B 253 11.63 -7.25 13.05
N GLY B 254 11.07 -7.45 14.25
CA GLY B 254 11.09 -6.42 15.28
C GLY B 254 12.47 -5.96 15.68
N ALA B 255 13.46 -6.85 15.65
CA ALA B 255 14.82 -6.47 16.05
C ALA B 255 15.45 -5.48 15.07
N SER B 256 14.90 -5.35 13.86
CA SER B 256 15.45 -4.38 12.90
C SER B 256 15.17 -2.95 13.33
N LEU B 257 14.26 -2.74 14.27
CA LEU B 257 13.93 -1.41 14.77
C LEU B 257 14.86 -0.96 15.89
N LYS B 258 15.77 -1.80 16.34
CA LYS B 258 16.57 -1.59 17.53
C LYS B 258 18.05 -1.76 17.20
N PRO B 259 18.94 -1.22 18.05
CA PRO B 259 20.38 -1.41 17.81
C PRO B 259 20.81 -2.87 17.72
N ASP B 260 19.99 -3.81 18.24
CA ASP B 260 20.22 -5.24 18.05
C ASP B 260 20.51 -5.59 16.60
N PHE B 261 19.92 -4.85 15.66
CA PHE B 261 20.09 -5.12 14.24
C PHE B 261 21.57 -5.11 13.84
N VAL B 262 22.36 -4.23 14.46
CA VAL B 262 23.79 -4.18 14.15
C VAL B 262 24.47 -5.48 14.53
N THR B 263 24.14 -6.01 15.71
CA THR B 263 24.66 -7.32 16.11
C THR B 263 24.29 -8.39 15.09
N ILE B 264 23.05 -8.35 14.60
CA ILE B 264 22.60 -9.35 13.65
C ILE B 264 23.36 -9.23 12.34
N ILE B 265 23.62 -8.01 11.90
CA ILE B 265 24.44 -7.79 10.70
C ILE B 265 25.80 -8.45 10.86
N ASN B 266 26.34 -8.48 12.09
N ASN B 266 26.34 -8.45 12.08
CA ASN B 266 27.64 -9.05 12.38
CA ASN B 266 27.64 -9.04 12.37
C ASN B 266 27.58 -10.53 12.76
C ASN B 266 27.54 -10.49 12.85
N ALA B 267 26.48 -11.22 12.47
CA ALA B 267 26.29 -12.58 12.97
C ALA B 267 27.40 -13.54 12.54
N ARG B 268 28.07 -13.26 11.41
CA ARG B 268 29.10 -14.17 10.91
C ARG B 268 30.46 -13.92 11.54
N ALA B 269 30.65 -12.85 12.29
CA ALA B 269 31.95 -12.58 12.91
C ALA B 269 32.19 -13.53 14.10
#